data_1QYT
#
_entry.id   1QYT
#
_entity_poly.entity_id   1
_entity_poly.type   'polypeptide(L)'
_entity_poly.pdbx_seq_one_letter_code
;GSNKGAIIGLM
;
_entity_poly.pdbx_strand_id   A
#
# COMPACT_ATOMS: atom_id res chain seq x y z
N GLY A 1 -0.53 5.86 6.76
CA GLY A 1 -0.64 4.90 5.67
C GLY A 1 -1.82 3.95 5.88
N SER A 2 -2.94 4.31 5.28
CA SER A 2 -4.14 3.50 5.40
C SER A 2 -4.10 2.35 4.40
N ASN A 3 -2.99 1.62 4.44
CA ASN A 3 -2.81 0.49 3.55
C ASN A 3 -2.34 0.99 2.18
N LYS A 4 -3.06 1.98 1.68
CA LYS A 4 -2.75 2.56 0.38
C LYS A 4 -1.23 2.77 0.28
N GLY A 5 -0.70 2.48 -0.90
CA GLY A 5 0.72 2.62 -1.14
C GLY A 5 1.48 1.37 -0.70
N ALA A 6 1.11 0.87 0.47
CA ALA A 6 1.75 -0.33 1.01
C ALA A 6 1.03 -1.57 0.48
N ILE A 7 -0.27 -1.63 0.77
CA ILE A 7 -1.08 -2.76 0.33
C ILE A 7 -1.30 -2.66 -1.18
N ILE A 8 -0.82 -1.57 -1.75
CA ILE A 8 -0.96 -1.34 -3.18
C ILE A 8 0.31 -0.66 -3.71
N GLY A 9 0.81 -1.18 -4.81
CA GLY A 9 2.00 -0.63 -5.43
C GLY A 9 3.23 -1.44 -5.06
N LEU A 10 3.23 -1.95 -3.84
CA LEU A 10 4.34 -2.76 -3.35
C LEU A 10 4.22 -4.18 -3.90
N MET A 11 3.08 -4.80 -3.61
CA MET A 11 2.83 -6.16 -4.07
C MET A 11 2.45 -6.16 -5.55
N GLY A 1 -5.70 0.12 0.95
CA GLY A 1 -4.27 -0.06 1.08
C GLY A 1 -3.50 0.85 0.11
N SER A 2 -4.06 2.03 -0.09
CA SER A 2 -3.44 3.01 -0.97
C SER A 2 -1.98 3.23 -0.57
N ASN A 3 -1.80 4.05 0.45
CA ASN A 3 -0.46 4.36 0.93
C ASN A 3 -0.30 3.77 2.33
N LYS A 4 -1.43 3.52 2.98
CA LYS A 4 -1.42 2.97 4.32
C LYS A 4 -1.31 1.44 4.24
N GLY A 5 -0.27 0.92 4.87
CA GLY A 5 -0.04 -0.52 4.88
C GLY A 5 0.62 -0.97 3.58
N ALA A 6 0.62 -0.06 2.61
CA ALA A 6 1.21 -0.36 1.33
C ALA A 6 0.64 -1.67 0.78
N ILE A 7 -0.63 -1.90 1.12
CA ILE A 7 -1.32 -3.10 0.68
C ILE A 7 -1.61 -3.00 -0.81
N ILE A 8 -1.30 -1.83 -1.37
CA ILE A 8 -1.54 -1.59 -2.77
C ILE A 8 -0.45 -0.66 -3.31
N GLY A 9 0.08 -1.02 -4.47
CA GLY A 9 1.13 -0.23 -5.09
C GLY A 9 2.51 -0.82 -4.80
N LEU A 10 2.65 -1.35 -3.60
CA LEU A 10 3.90 -1.95 -3.17
C LEU A 10 4.03 -3.35 -3.77
N MET A 11 3.04 -4.17 -3.46
CA MET A 11 3.03 -5.55 -3.95
C MET A 11 2.60 -5.59 -5.42
N GLY A 1 -5.18 -1.37 1.55
CA GLY A 1 -5.11 0.05 1.85
C GLY A 1 -4.63 0.85 0.63
N SER A 2 -4.49 2.15 0.83
CA SER A 2 -4.05 3.03 -0.24
C SER A 2 -2.54 3.19 -0.19
N ASN A 3 -2.09 4.07 0.69
CA ASN A 3 -0.67 4.32 0.85
C ASN A 3 -0.21 3.80 2.21
N LYS A 4 -1.17 3.65 3.11
CA LYS A 4 -0.88 3.17 4.44
C LYS A 4 -0.72 1.64 4.41
N GLY A 5 0.44 1.19 4.85
CA GLY A 5 0.72 -0.23 4.87
C GLY A 5 1.21 -0.72 3.51
N ALA A 6 0.84 0.03 2.48
CA ALA A 6 1.23 -0.31 1.12
C ALA A 6 0.59 -1.65 0.73
N ILE A 7 -0.64 -1.84 1.18
CA ILE A 7 -1.35 -3.07 0.88
C ILE A 7 -1.72 -3.10 -0.61
N ILE A 8 -1.44 -2.00 -1.28
CA ILE A 8 -1.72 -1.89 -2.69
C ILE A 8 -0.69 -0.98 -3.35
N GLY A 9 -0.19 -1.45 -4.49
CA GLY A 9 0.80 -0.68 -5.23
C GLY A 9 2.22 -1.22 -4.95
N LEU A 10 2.42 -1.64 -3.71
CA LEU A 10 3.71 -2.17 -3.30
C LEU A 10 3.85 -3.61 -3.83
N MET A 11 2.91 -4.44 -3.42
CA MET A 11 2.92 -5.83 -3.84
C MET A 11 2.54 -5.97 -5.33
N GLY A 1 1.87 5.06 4.99
CA GLY A 1 1.27 4.13 4.04
C GLY A 1 0.78 2.87 4.74
N SER A 2 -0.37 3.00 5.39
CA SER A 2 -0.96 1.88 6.10
C SER A 2 -1.44 0.82 5.10
N ASN A 3 -2.62 1.05 4.55
CA ASN A 3 -3.19 0.13 3.59
C ASN A 3 -3.24 0.79 2.22
N LYS A 4 -3.22 2.12 2.23
CA LYS A 4 -3.26 2.89 1.00
C LYS A 4 -1.84 3.05 0.46
N GLY A 5 -1.67 2.61 -0.78
CA GLY A 5 -0.37 2.71 -1.42
C GLY A 5 0.49 1.48 -1.10
N ALA A 6 0.19 0.88 0.04
CA ALA A 6 0.93 -0.30 0.48
C ALA A 6 0.23 -1.56 -0.04
N ILE A 7 -1.08 -1.43 -0.25
CA ILE A 7 -1.87 -2.54 -0.74
C ILE A 7 -1.52 -2.82 -2.20
N ILE A 8 -0.70 -1.93 -2.76
CA ILE A 8 -0.27 -2.05 -4.14
C ILE A 8 1.13 -1.45 -4.29
N GLY A 9 1.95 -2.14 -5.08
CA GLY A 9 3.30 -1.69 -5.32
C GLY A 9 4.32 -2.62 -4.66
N LEU A 10 3.98 -3.04 -3.45
CA LEU A 10 4.84 -3.94 -2.70
C LEU A 10 4.50 -5.39 -3.05
N MET A 11 3.23 -5.73 -2.82
CA MET A 11 2.76 -7.08 -3.11
C MET A 11 2.21 -7.18 -4.53
N GLY A 1 -6.44 4.70 4.89
CA GLY A 1 -5.82 5.12 6.14
C GLY A 1 -4.66 4.19 6.52
N SER A 2 -4.91 2.90 6.39
CA SER A 2 -3.91 1.91 6.71
C SER A 2 -2.56 2.29 6.07
N ASN A 3 -2.44 1.96 4.80
CA ASN A 3 -1.23 2.26 4.06
C ASN A 3 -1.58 2.55 2.60
N LYS A 4 -2.83 2.91 2.38
CA LYS A 4 -3.30 3.21 1.04
C LYS A 4 -2.13 3.68 0.19
N GLY A 5 -1.99 3.05 -0.97
CA GLY A 5 -0.92 3.39 -1.89
C GLY A 5 0.27 2.43 -1.73
N ALA A 6 0.29 1.76 -0.60
CA ALA A 6 1.35 0.82 -0.31
C ALA A 6 0.79 -0.61 -0.35
N ILE A 7 -0.51 -0.70 -0.13
CA ILE A 7 -1.18 -1.99 -0.14
C ILE A 7 -1.16 -2.57 -1.55
N ILE A 8 -0.73 -1.73 -2.49
CA ILE A 8 -0.66 -2.15 -3.88
C ILE A 8 0.62 -1.57 -4.51
N GLY A 9 1.59 -1.30 -3.65
CA GLY A 9 2.86 -0.75 -4.11
C GLY A 9 4.01 -1.68 -3.77
N LEU A 10 3.70 -2.69 -2.98
CA LEU A 10 4.71 -3.66 -2.57
C LEU A 10 4.64 -4.87 -3.49
N MET A 11 3.44 -5.44 -3.58
CA MET A 11 3.21 -6.61 -4.42
C MET A 11 2.31 -6.27 -5.60
N GLY A 1 -6.12 -1.09 1.42
CA GLY A 1 -5.11 -0.08 1.66
C GLY A 1 -4.74 0.64 0.36
N SER A 2 -4.57 1.95 0.47
CA SER A 2 -4.21 2.76 -0.69
C SER A 2 -2.72 3.06 -0.68
N ASN A 3 -2.34 4.04 0.12
CA ASN A 3 -0.95 4.43 0.23
C ASN A 3 -0.44 4.10 1.63
N LYS A 4 -1.38 3.94 2.55
CA LYS A 4 -1.03 3.62 3.93
C LYS A 4 -0.78 2.11 4.04
N GLY A 5 0.41 1.78 4.52
CA GLY A 5 0.80 0.39 4.69
C GLY A 5 1.28 -0.21 3.37
N ALA A 6 0.90 0.46 2.29
CA ALA A 6 1.29 0.00 0.96
C ALA A 6 0.76 -1.42 0.74
N ILE A 7 -0.42 -1.67 1.29
CA ILE A 7 -1.05 -2.97 1.15
C ILE A 7 -1.44 -3.20 -0.30
N ILE A 8 -1.33 -2.13 -1.09
CA ILE A 8 -1.67 -2.21 -2.50
C ILE A 8 -0.81 -1.21 -3.28
N GLY A 9 0.31 -0.84 -2.67
CA GLY A 9 1.23 0.11 -3.30
C GLY A 9 2.62 -0.49 -3.44
N LEU A 10 2.77 -1.70 -2.91
CA LEU A 10 4.05 -2.40 -2.98
C LEU A 10 4.01 -3.41 -4.12
N MET A 11 3.00 -4.28 -4.07
CA MET A 11 2.84 -5.30 -5.09
C MET A 11 1.58 -5.04 -5.93
N GLY A 1 -6.36 -0.83 0.74
CA GLY A 1 -5.14 -0.13 1.14
C GLY A 1 -4.58 0.70 -0.01
N SER A 2 -4.48 1.99 0.23
CA SER A 2 -3.96 2.90 -0.77
C SER A 2 -2.46 3.11 -0.55
N ASN A 3 -2.14 3.96 0.40
CA ASN A 3 -0.74 4.25 0.71
C ASN A 3 -0.42 3.74 2.12
N LYS A 4 -1.47 3.53 2.89
CA LYS A 4 -1.32 3.04 4.25
C LYS A 4 -1.14 1.52 4.22
N GLY A 5 -0.04 1.07 4.79
CA GLY A 5 0.24 -0.36 4.84
C GLY A 5 0.85 -0.84 3.52
N ALA A 6 0.66 -0.02 2.49
CA ALA A 6 1.19 -0.36 1.18
C ALA A 6 0.63 -1.72 0.74
N ILE A 7 -0.59 -1.99 1.15
CA ILE A 7 -1.24 -3.24 0.81
C ILE A 7 -1.54 -3.26 -0.69
N ILE A 8 -1.33 -2.12 -1.32
CA ILE A 8 -1.57 -1.99 -2.75
C ILE A 8 -0.55 -1.02 -3.35
N GLY A 9 -0.06 -1.39 -4.54
CA GLY A 9 0.91 -0.57 -5.23
C GLY A 9 2.34 -1.07 -4.96
N LEU A 10 2.55 -1.50 -3.73
CA LEU A 10 3.86 -2.01 -3.34
C LEU A 10 4.15 -3.30 -4.11
N MET A 11 3.28 -4.28 -3.90
CA MET A 11 3.44 -5.57 -4.56
C MET A 11 3.22 -5.44 -6.08
N GLY A 1 -8.83 3.48 5.27
CA GLY A 1 -7.76 3.66 4.30
C GLY A 1 -6.60 2.71 4.58
N SER A 2 -6.46 1.72 3.70
CA SER A 2 -5.40 0.74 3.85
C SER A 2 -4.05 1.43 3.94
N ASN A 3 -3.00 0.63 3.81
CA ASN A 3 -1.65 1.16 3.87
C ASN A 3 -1.27 1.76 2.51
N LYS A 4 -2.16 2.60 2.01
CA LYS A 4 -1.94 3.25 0.73
C LYS A 4 -0.44 3.39 0.49
N GLY A 5 0.00 2.93 -0.68
CA GLY A 5 1.40 3.01 -1.03
C GLY A 5 2.15 1.75 -0.59
N ALA A 6 1.47 0.96 0.23
CA ALA A 6 2.07 -0.26 0.74
C ALA A 6 1.19 -1.46 0.31
N ILE A 7 -0.09 -1.36 0.64
CA ILE A 7 -1.03 -2.41 0.29
C ILE A 7 -1.31 -2.37 -1.21
N ILE A 8 -0.74 -1.36 -1.86
CA ILE A 8 -0.93 -1.20 -3.29
C ILE A 8 0.38 -0.69 -3.91
N GLY A 9 0.75 -1.33 -5.01
CA GLY A 9 1.96 -0.97 -5.71
C GLY A 9 3.12 -1.91 -5.35
N LEU A 10 3.12 -2.33 -4.09
CA LEU A 10 4.15 -3.22 -3.59
C LEU A 10 3.82 -4.66 -4.03
N MET A 11 2.64 -5.11 -3.64
CA MET A 11 2.20 -6.45 -3.98
C MET A 11 1.67 -6.50 -5.42
N GLY A 1 -0.09 7.21 1.72
CA GLY A 1 -1.10 6.46 2.44
C GLY A 1 -0.47 5.64 3.57
N SER A 2 -1.32 5.22 4.51
CA SER A 2 -0.85 4.43 5.64
C SER A 2 -0.72 2.97 5.23
N ASN A 3 -1.85 2.27 5.27
CA ASN A 3 -1.87 0.87 4.90
C ASN A 3 -2.66 0.69 3.60
N LYS A 4 -3.39 1.73 3.25
CA LYS A 4 -4.19 1.71 2.04
C LYS A 4 -3.28 1.90 0.82
N GLY A 5 -2.05 2.29 1.11
CA GLY A 5 -1.07 2.51 0.05
C GLY A 5 -0.10 1.32 -0.05
N ALA A 6 0.25 0.78 1.10
CA ALA A 6 1.16 -0.34 1.16
C ALA A 6 0.59 -1.50 0.32
N ILE A 7 -0.72 -1.45 0.12
CA ILE A 7 -1.40 -2.48 -0.66
C ILE A 7 -1.07 -2.28 -2.13
N ILE A 8 -0.34 -1.21 -2.42
CA ILE A 8 0.03 -0.90 -3.79
C ILE A 8 1.48 -0.42 -3.81
N GLY A 9 2.24 -0.97 -4.76
CA GLY A 9 3.64 -0.61 -4.91
C GLY A 9 4.54 -1.65 -4.23
N LEU A 10 4.04 -2.19 -3.14
CA LEU A 10 4.79 -3.19 -2.39
C LEU A 10 4.71 -4.54 -3.13
N MET A 11 3.48 -5.00 -3.33
CA MET A 11 3.27 -6.26 -4.02
C MET A 11 3.48 -6.10 -5.52
N GLY A 1 -1.19 5.42 2.37
CA GLY A 1 -0.42 5.68 3.58
C GLY A 1 -0.53 4.53 4.56
N SER A 2 -1.75 4.29 5.03
CA SER A 2 -2.00 3.22 5.97
C SER A 2 -1.76 1.86 5.29
N ASN A 3 -2.77 1.41 4.56
CA ASN A 3 -2.69 0.14 3.87
C ASN A 3 -2.66 0.39 2.36
N LYS A 4 -3.02 1.62 1.99
CA LYS A 4 -3.03 1.99 0.59
C LYS A 4 -1.60 2.20 0.10
N GLY A 5 -0.69 2.23 1.06
CA GLY A 5 0.73 2.42 0.74
C GLY A 5 1.51 1.12 0.94
N ALA A 6 0.87 0.18 1.63
CA ALA A 6 1.49 -1.10 1.90
C ALA A 6 0.83 -2.17 1.02
N ILE A 7 -0.47 -2.31 1.20
CA ILE A 7 -1.22 -3.30 0.43
C ILE A 7 -1.38 -2.80 -1.01
N ILE A 8 -0.89 -1.59 -1.24
CA ILE A 8 -0.98 -1.00 -2.56
C ILE A 8 0.27 -0.14 -2.80
N GLY A 9 0.84 -0.31 -3.99
CA GLY A 9 2.03 0.44 -4.35
C GLY A 9 3.30 -0.39 -4.14
N LEU A 10 3.26 -1.20 -3.09
CA LEU A 10 4.39 -2.05 -2.76
C LEU A 10 4.40 -3.27 -3.68
N MET A 11 3.30 -4.00 -3.65
CA MET A 11 3.16 -5.18 -4.49
C MET A 11 2.91 -4.81 -5.95
N GLY A 1 1.52 7.43 4.43
CA GLY A 1 0.50 6.65 3.74
C GLY A 1 0.23 5.33 4.47
N SER A 2 -0.99 5.19 4.94
CA SER A 2 -1.38 3.99 5.66
C SER A 2 -1.21 2.76 4.76
N ASN A 3 -2.06 1.77 4.99
CA ASN A 3 -2.01 0.54 4.21
C ASN A 3 -2.82 0.73 2.92
N LYS A 4 -3.53 1.85 2.87
CA LYS A 4 -4.34 2.15 1.71
C LYS A 4 -3.43 2.34 0.49
N GLY A 5 -2.14 2.44 0.76
CA GLY A 5 -1.17 2.63 -0.30
C GLY A 5 -0.17 1.47 -0.33
N ALA A 6 0.20 1.02 0.85
CA ALA A 6 1.14 -0.09 0.98
C ALA A 6 0.57 -1.32 0.28
N ILE A 7 -0.75 -1.31 0.13
CA ILE A 7 -1.44 -2.43 -0.51
C ILE A 7 -1.18 -2.37 -2.02
N ILE A 8 -0.49 -1.32 -2.43
CA ILE A 8 -0.18 -1.15 -3.85
C ILE A 8 1.26 -0.66 -3.98
N GLY A 9 1.98 -1.29 -4.89
CA GLY A 9 3.37 -0.93 -5.13
C GLY A 9 4.32 -1.88 -4.39
N LEU A 10 3.88 -2.32 -3.23
CA LEU A 10 4.67 -3.23 -2.42
C LEU A 10 4.58 -4.64 -3.01
N MET A 11 3.36 -5.13 -3.09
CA MET A 11 3.12 -6.46 -3.64
C MET A 11 3.25 -6.46 -5.16
N GLY A 1 -2.62 6.94 3.20
CA GLY A 1 -1.60 7.48 4.07
C GLY A 1 -1.00 6.38 4.95
N SER A 2 -1.88 5.61 5.56
CA SER A 2 -1.46 4.52 6.43
C SER A 2 -0.81 3.41 5.60
N ASN A 3 -1.66 2.56 5.04
CA ASN A 3 -1.19 1.46 4.22
C ASN A 3 -2.21 1.15 3.13
N LYS A 4 -3.06 2.14 2.85
CA LYS A 4 -4.08 2.00 1.85
C LYS A 4 -3.43 2.00 0.46
N GLY A 5 -2.16 2.37 0.43
CA GLY A 5 -1.41 2.42 -0.81
C GLY A 5 -0.31 1.35 -0.84
N ALA A 6 0.03 0.87 0.35
CA ALA A 6 1.05 -0.15 0.47
C ALA A 6 0.57 -1.45 -0.18
N ILE A 7 -0.76 -1.59 -0.20
CA ILE A 7 -1.37 -2.76 -0.79
C ILE A 7 -1.08 -2.79 -2.30
N ILE A 8 -0.56 -1.67 -2.79
CA ILE A 8 -0.24 -1.55 -4.19
C ILE A 8 1.19 -1.02 -4.34
N GLY A 9 1.92 -1.65 -5.26
CA GLY A 9 3.30 -1.26 -5.50
C GLY A 9 4.27 -2.18 -4.76
N LEU A 10 3.86 -2.59 -3.56
CA LEU A 10 4.68 -3.46 -2.75
C LEU A 10 4.61 -4.89 -3.31
N MET A 11 3.39 -5.40 -3.37
CA MET A 11 3.16 -6.75 -3.89
C MET A 11 3.24 -6.77 -5.41
N GLY A 1 0.49 6.59 6.90
CA GLY A 1 -0.23 6.02 5.77
C GLY A 1 -1.14 4.87 6.23
N SER A 2 -2.33 4.84 5.66
CA SER A 2 -3.29 3.81 5.99
C SER A 2 -3.09 2.58 5.10
N ASN A 3 -1.82 2.22 4.94
CA ASN A 3 -1.47 1.08 4.12
C ASN A 3 -2.36 1.05 2.87
N LYS A 4 -2.77 2.25 2.45
CA LYS A 4 -3.61 2.39 1.28
C LYS A 4 -2.74 2.58 0.04
N GLY A 5 -1.47 2.84 0.29
CA GLY A 5 -0.53 3.06 -0.79
C GLY A 5 0.58 1.99 -0.77
N ALA A 6 0.52 1.15 0.25
CA ALA A 6 1.50 0.08 0.39
C ALA A 6 0.90 -1.23 -0.11
N ILE A 7 -0.40 -1.35 0.08
CA ILE A 7 -1.10 -2.56 -0.35
C ILE A 7 -1.04 -2.66 -1.87
N ILE A 8 -0.60 -1.58 -2.50
CA ILE A 8 -0.49 -1.53 -3.94
C ILE A 8 0.90 -1.04 -4.34
N GLY A 9 1.48 -1.72 -5.31
CA GLY A 9 2.81 -1.37 -5.78
C GLY A 9 3.88 -2.27 -5.14
N LEU A 10 3.65 -2.60 -3.89
CA LEU A 10 4.58 -3.45 -3.16
C LEU A 10 4.40 -4.90 -3.60
N MET A 11 3.17 -5.39 -3.44
CA MET A 11 2.86 -6.75 -3.83
C MET A 11 2.68 -6.87 -5.34
N GLY A 1 -2.56 7.90 5.81
CA GLY A 1 -1.48 7.08 5.29
C GLY A 1 -1.38 5.76 6.05
N SER A 2 -2.38 4.92 5.84
CA SER A 2 -2.41 3.62 6.50
C SER A 2 -1.64 2.59 5.68
N ASN A 3 -2.33 2.04 4.68
CA ASN A 3 -1.73 1.05 3.81
C ASN A 3 -2.33 1.17 2.41
N LYS A 4 -2.91 2.34 2.14
CA LYS A 4 -3.53 2.59 0.86
C LYS A 4 -2.43 2.79 -0.20
N GLY A 5 -1.21 2.93 0.28
CA GLY A 5 -0.08 3.11 -0.61
C GLY A 5 1.01 2.07 -0.34
N ALA A 6 0.69 1.15 0.56
CA ALA A 6 1.63 0.09 0.90
C ALA A 6 1.13 -1.24 0.34
N ILE A 7 -0.16 -1.49 0.58
CA ILE A 7 -0.78 -2.73 0.11
C ILE A 7 -0.84 -2.70 -1.42
N ILE A 8 -0.53 -1.54 -1.97
CA ILE A 8 -0.55 -1.37 -3.42
C ILE A 8 0.78 -0.78 -3.87
N GLY A 9 1.69 -0.64 -2.93
CA GLY A 9 3.00 -0.09 -3.22
C GLY A 9 4.09 -1.14 -3.03
N LEU A 10 3.66 -2.34 -2.64
CA LEU A 10 4.58 -3.43 -2.42
C LEU A 10 4.29 -4.55 -3.42
N MET A 11 3.02 -4.94 -3.46
CA MET A 11 2.59 -5.99 -4.36
C MET A 11 2.42 -5.48 -5.79
N GLY A 1 1.29 7.33 1.37
CA GLY A 1 0.01 6.66 1.47
C GLY A 1 0.01 5.64 2.61
N SER A 2 -0.99 5.76 3.47
CA SER A 2 -1.11 4.86 4.60
C SER A 2 -1.14 3.41 4.12
N ASN A 3 -1.33 2.51 5.07
CA ASN A 3 -1.38 1.09 4.74
C ASN A 3 -2.38 0.86 3.61
N LYS A 4 -3.28 1.82 3.45
CA LYS A 4 -4.29 1.73 2.42
C LYS A 4 -3.62 1.80 1.05
N GLY A 5 -2.34 2.17 1.06
CA GLY A 5 -1.57 2.28 -0.16
C GLY A 5 -0.51 1.18 -0.24
N ALA A 6 -0.16 0.66 0.92
CA ALA A 6 0.84 -0.39 0.99
C ALA A 6 0.38 -1.60 0.18
N ILE A 7 -0.92 -1.63 -0.08
CA ILE A 7 -1.51 -2.71 -0.85
C ILE A 7 -1.14 -2.53 -2.33
N ILE A 8 -0.45 -1.44 -2.60
CA ILE A 8 -0.03 -1.15 -3.96
C ILE A 8 1.39 -0.59 -3.95
N GLY A 9 2.21 -1.11 -4.85
CA GLY A 9 3.59 -0.68 -4.94
C GLY A 9 4.52 -1.64 -4.21
N LEU A 10 4.01 -2.19 -3.12
CA LEU A 10 4.78 -3.13 -2.32
C LEU A 10 4.78 -4.49 -3.00
N MET A 11 3.59 -5.01 -3.21
CA MET A 11 3.44 -6.31 -3.85
C MET A 11 3.64 -6.20 -5.36
N GLY A 1 0.84 7.12 1.64
CA GLY A 1 0.07 5.91 1.85
C GLY A 1 0.48 5.22 3.16
N SER A 2 -0.53 4.82 3.93
CA SER A 2 -0.29 4.15 5.19
C SER A 2 -0.59 2.66 5.07
N ASN A 3 -1.87 2.34 5.18
CA ASN A 3 -2.31 0.95 5.07
C ASN A 3 -3.13 0.78 3.81
N LYS A 4 -3.53 1.90 3.23
CA LYS A 4 -4.31 1.88 2.01
C LYS A 4 -3.40 2.05 0.80
N GLY A 5 -2.15 2.41 1.10
CA GLY A 5 -1.16 2.60 0.05
C GLY A 5 -0.20 1.42 -0.02
N ALA A 6 0.18 0.93 1.17
CA ALA A 6 1.09 -0.19 1.26
C ALA A 6 0.53 -1.37 0.45
N ILE A 7 -0.78 -1.34 0.27
CA ILE A 7 -1.45 -2.40 -0.47
C ILE A 7 -1.16 -2.23 -1.97
N ILE A 8 -0.45 -1.16 -2.28
CA ILE A 8 -0.10 -0.87 -3.66
C ILE A 8 1.35 -0.37 -3.73
N GLY A 9 2.09 -0.94 -4.66
CA GLY A 9 3.48 -0.57 -4.85
C GLY A 9 4.41 -1.58 -4.16
N LEU A 10 3.94 -2.09 -3.03
CA LEU A 10 4.70 -3.07 -2.28
C LEU A 10 4.61 -4.43 -2.96
N MET A 11 3.38 -4.90 -3.10
CA MET A 11 3.14 -6.18 -3.73
C MET A 11 3.26 -6.08 -5.26
N GLY A 1 2.25 5.64 4.38
CA GLY A 1 1.00 5.00 4.00
C GLY A 1 0.59 3.96 5.05
N SER A 2 -0.70 3.65 5.04
CA SER A 2 -1.25 2.67 5.98
C SER A 2 -1.56 1.37 5.25
N ASN A 3 -2.73 1.36 4.62
CA ASN A 3 -3.18 0.18 3.89
C ASN A 3 -3.20 0.50 2.39
N LYS A 4 -3.12 1.79 2.09
CA LYS A 4 -3.13 2.24 0.71
C LYS A 4 -1.70 2.31 0.19
N GLY A 5 -0.76 2.19 1.11
CA GLY A 5 0.65 2.24 0.76
C GLY A 5 1.34 0.92 1.11
N ALA A 6 0.53 -0.07 1.44
CA ALA A 6 1.05 -1.38 1.79
C ALA A 6 0.41 -2.44 0.90
N ILE A 7 -0.93 -2.48 0.96
CA ILE A 7 -1.67 -3.45 0.17
C ILE A 7 -1.76 -2.96 -1.28
N ILE A 8 -1.16 -1.80 -1.51
CA ILE A 8 -1.16 -1.21 -2.84
C ILE A 8 0.07 -0.30 -2.99
N GLY A 9 0.75 -0.46 -4.11
CA GLY A 9 1.94 0.34 -4.38
C GLY A 9 3.21 -0.43 -4.03
N LEU A 10 3.11 -1.26 -3.01
CA LEU A 10 4.24 -2.05 -2.56
C LEU A 10 4.41 -3.25 -3.50
N MET A 11 3.35 -4.04 -3.60
CA MET A 11 3.38 -5.22 -4.46
C MET A 11 2.45 -5.03 -5.67
N GLY A 1 -0.94 6.16 3.71
CA GLY A 1 -0.32 6.06 5.02
C GLY A 1 -0.78 4.79 5.75
N SER A 2 -2.10 4.62 5.76
CA SER A 2 -2.68 3.46 6.43
C SER A 2 -2.11 2.17 5.84
N ASN A 3 -2.66 1.77 4.70
CA ASN A 3 -2.21 0.56 4.03
C ASN A 3 -2.45 0.72 2.52
N LYS A 4 -2.56 1.96 2.09
CA LYS A 4 -2.77 2.25 0.68
C LYS A 4 -1.44 2.16 -0.07
N GLY A 5 -0.37 2.09 0.70
CA GLY A 5 0.96 2.00 0.12
C GLY A 5 1.58 0.63 0.40
N ALA A 6 0.91 -0.14 1.24
CA ALA A 6 1.38 -1.47 1.58
C ALA A 6 0.67 -2.51 0.72
N ILE A 7 -0.65 -2.51 0.81
CA ILE A 7 -1.45 -3.43 0.04
C ILE A 7 -1.60 -2.92 -1.40
N ILE A 8 -0.96 -1.78 -1.65
CA ILE A 8 -1.00 -1.17 -2.97
C ILE A 8 0.25 -0.33 -3.18
N GLY A 9 0.88 -0.55 -4.32
CA GLY A 9 2.09 0.18 -4.66
C GLY A 9 3.34 -0.63 -4.33
N LEU A 10 3.22 -1.42 -3.27
CA LEU A 10 4.33 -2.26 -2.84
C LEU A 10 4.43 -3.48 -3.75
N MET A 11 3.32 -4.23 -3.79
CA MET A 11 3.27 -5.43 -4.61
C MET A 11 3.13 -5.08 -6.09
N GLY A 1 -1.77 8.21 6.16
CA GLY A 1 -1.09 7.28 5.28
C GLY A 1 -0.69 6.01 6.03
N SER A 2 -1.67 5.14 6.22
CA SER A 2 -1.44 3.89 6.92
C SER A 2 -0.82 2.86 5.97
N ASN A 3 -1.68 2.23 5.19
CA ASN A 3 -1.23 1.23 4.24
C ASN A 3 -2.22 1.17 3.06
N LYS A 4 -2.95 2.26 2.89
CA LYS A 4 -3.92 2.35 1.82
C LYS A 4 -3.20 2.42 0.47
N GLY A 5 -1.89 2.61 0.56
CA GLY A 5 -1.07 2.69 -0.64
C GLY A 5 -0.07 1.55 -0.70
N ALA A 6 0.37 1.12 0.48
CA ALA A 6 1.32 0.03 0.58
C ALA A 6 0.69 -1.24 -0.01
N ILE A 7 -0.63 -1.23 -0.12
CA ILE A 7 -1.35 -2.37 -0.66
C ILE A 7 -1.13 -2.43 -2.17
N ILE A 8 -0.42 -1.43 -2.68
CA ILE A 8 -0.14 -1.35 -4.11
C ILE A 8 1.31 -0.91 -4.31
N GLY A 9 1.99 -1.61 -5.20
CA GLY A 9 3.38 -1.31 -5.50
C GLY A 9 4.33 -2.23 -4.71
N LEU A 10 3.90 -2.57 -3.50
CA LEU A 10 4.71 -3.43 -2.65
C LEU A 10 4.55 -4.88 -3.12
N MET A 11 3.30 -5.34 -3.13
CA MET A 11 3.01 -6.69 -3.55
C MET A 11 3.05 -6.82 -5.07
N GLY A 1 -0.84 6.23 3.77
CA GLY A 1 -0.18 6.05 5.05
C GLY A 1 -0.69 4.79 5.75
N SER A 2 -2.00 4.64 5.78
CA SER A 2 -2.62 3.50 6.41
C SER A 2 -2.07 2.21 5.80
N ASN A 3 -2.62 1.84 4.65
CA ASN A 3 -2.20 0.63 3.97
C ASN A 3 -2.43 0.80 2.47
N LYS A 4 -2.50 2.05 2.05
CA LYS A 4 -2.71 2.36 0.64
C LYS A 4 -1.38 2.23 -0.11
N GLY A 5 -0.31 2.12 0.65
CA GLY A 5 1.01 1.98 0.08
C GLY A 5 1.61 0.60 0.36
N ALA A 6 0.87 -0.16 1.17
CA ALA A 6 1.31 -1.50 1.53
C ALA A 6 0.57 -2.52 0.67
N ILE A 7 -0.75 -2.50 0.76
CA ILE A 7 -1.57 -3.42 0.00
C ILE A 7 -1.69 -2.90 -1.44
N ILE A 8 -1.03 -1.79 -1.70
CA ILE A 8 -1.06 -1.19 -3.02
C ILE A 8 0.22 -0.38 -3.23
N GLY A 9 0.85 -0.62 -4.37
CA GLY A 9 2.09 0.09 -4.70
C GLY A 9 3.31 -0.75 -4.35
N LEU A 10 3.17 -1.52 -3.29
CA LEU A 10 4.25 -2.37 -2.83
C LEU A 10 4.30 -3.63 -3.69
N MET A 11 3.19 -4.34 -3.70
CA MET A 11 3.08 -5.57 -4.48
C MET A 11 2.89 -5.26 -5.96
N GLY A 1 -0.99 5.51 2.58
CA GLY A 1 0.22 5.44 3.36
C GLY A 1 0.20 4.23 4.30
N SER A 2 -0.95 4.03 4.93
CA SER A 2 -1.11 2.92 5.85
C SER A 2 -1.28 1.61 5.08
N ASN A 3 -2.51 1.37 4.64
CA ASN A 3 -2.81 0.17 3.89
C ASN A 3 -3.10 0.54 2.43
N LYS A 4 -3.33 1.83 2.22
CA LYS A 4 -3.62 2.33 0.88
C LYS A 4 -2.31 2.56 0.13
N GLY A 5 -1.21 2.52 0.88
CA GLY A 5 0.10 2.73 0.30
C GLY A 5 1.03 1.55 0.62
N ALA A 6 0.44 0.49 1.13
CA ALA A 6 1.19 -0.69 1.49
C ALA A 6 0.68 -1.88 0.68
N ILE A 7 -0.64 -2.03 0.67
CA ILE A 7 -1.26 -3.12 -0.06
C ILE A 7 -1.20 -2.83 -1.56
N ILE A 8 -0.67 -1.65 -1.88
CA ILE A 8 -0.54 -1.25 -3.27
C ILE A 8 0.77 -0.50 -3.45
N GLY A 9 1.49 -0.85 -4.50
CA GLY A 9 2.76 -0.22 -4.80
C GLY A 9 3.93 -1.07 -4.30
N LEU A 10 3.70 -1.72 -3.17
CA LEU A 10 4.72 -2.57 -2.57
C LEU A 10 4.79 -3.89 -3.33
N MET A 11 3.65 -4.57 -3.38
CA MET A 11 3.57 -5.84 -4.07
C MET A 11 2.71 -5.73 -5.34
#